data_6IH7
#
_entry.id   6IH7
#
_cell.length_a   157.899
_cell.length_b   42.600
_cell.length_c   73.330
_cell.angle_alpha   90.000
_cell.angle_beta   94.910
_cell.angle_gamma   90.000
#
_symmetry.space_group_name_H-M   'C 1 2 1'
#
loop_
_entity.id
_entity.type
_entity.pdbx_description
1 polymer 'cyclic di nucleotide phoshodiesterase'
2 non-polymer "2-amino-9-[(2R,3R,3aS,5R,7aR,9R,10R,10aS,12R,14aR)-9-(6-amino-9H-purin-9-yl)-3,5,10,12-tetrahydroxy-5,12-dioxidooctahydro-2H,7H-difuro[3,2-d:3',2'-j][1,3,7,9,2,8]tetraoxadiphosphacyclododecin-2-yl]-1,9-dihydro-6H-purin-6-one"
3 non-polymer 'CALCIUM ION'
4 water water
#
_entity_poly.entity_id   1
_entity_poly.type   'polypeptide(L)'
_entity_poly.pdbx_seq_one_letter_code
;MHIIPVASDPKTCSSGVNENSLDFDFTMAFQPIVNCRTKEIFGYEALVRGLNNESAYSVISRVNEDNRYLFDQMCRVKAI
ALAAKLGLTSKLSINFLPNAIYVPERCIRTTLEAAKRYQFPIENIMFEFTEAERVEDVNHIKRIVEYYKSLGFQTAIDDF
GSGYSGLNLLADFQTNIVKVDMGLIRNIHADQVRQSIMKNCLKLFSDLNIQPLAEGVESHAEFAWLKAAGVELMQGYYFA
KPGFESLPSVNPEFSEA
;
_entity_poly.pdbx_strand_id   B,A
#
loop_
_chem_comp.id
_chem_comp.type
_chem_comp.name
_chem_comp.formula
4BW non-polymer 2-amino-9-[(2R,3R,3aS,5R,7aR,9R,10R,10aS,12R,14aR)-9-(6-amino-9H-purin-9-yl)-3,5,10,12-tetrahydroxy-5,12-dioxidooctahydro-2H,7H-difuro[3,2-d:3',2'-j][1,3,7,9,2,8]tetraoxadiphosphacyclododecin-2-yl]-1,9-dihydro-6H-purin-6-one 'C20 H24 N10 O13 P2'
CA non-polymer 'CALCIUM ION' 'Ca 2'
#
# COMPACT_ATOMS: atom_id res chain seq x y z
CA SER A 21 1.21 -30.17 19.75
C SER A 21 2.54 -30.16 19.02
N LEU A 22 2.69 -31.08 18.06
CA LEU A 22 3.92 -31.19 17.25
C LEU A 22 3.55 -31.92 15.96
N ASP A 23 3.19 -31.13 14.93
CA ASP A 23 2.74 -31.66 13.63
C ASP A 23 3.90 -31.85 12.65
N PHE A 24 4.83 -30.91 12.63
CA PHE A 24 5.95 -30.93 11.71
C PHE A 24 7.02 -30.03 12.29
N ASP A 25 8.23 -30.15 11.76
CA ASP A 25 9.35 -29.43 12.33
C ASP A 25 10.07 -28.64 11.26
N PHE A 26 10.96 -27.77 11.73
CA PHE A 26 11.61 -26.75 10.92
C PHE A 26 12.64 -26.10 11.82
N THR A 27 13.40 -25.17 11.24
CA THR A 27 14.39 -24.45 12.03
C THR A 27 14.52 -23.04 11.47
N MET A 28 15.64 -22.36 11.68
CA MET A 28 15.80 -20.99 11.24
C MET A 28 17.07 -20.83 10.41
N ALA A 29 17.03 -19.89 9.48
CA ALA A 29 18.22 -19.26 8.93
C ALA A 29 18.28 -17.81 9.41
N PHE A 30 19.46 -17.21 9.35
CA PHE A 30 19.63 -15.86 9.84
C PHE A 30 20.34 -15.01 8.81
N GLN A 31 19.85 -13.80 8.61
CA GLN A 31 20.45 -12.92 7.64
C GLN A 31 20.78 -11.59 8.32
N PRO A 32 22.02 -11.13 8.24
CA PRO A 32 22.39 -9.89 8.94
C PRO A 32 21.73 -8.66 8.38
N ILE A 33 21.51 -7.70 9.27
CA ILE A 33 21.23 -6.32 8.91
C ILE A 33 22.49 -5.54 9.24
N VAL A 34 23.00 -4.74 8.31
CA VAL A 34 24.30 -4.10 8.48
C VAL A 34 24.09 -2.60 8.58
N ASN A 35 24.82 -1.96 9.50
CA ASN A 35 24.80 -0.51 9.59
C ASN A 35 25.94 0.01 8.71
N CYS A 36 25.59 0.53 7.52
CA CYS A 36 26.57 0.91 6.52
C CYS A 36 27.36 2.14 6.92
N ARG A 37 26.91 2.85 7.95
CA ARG A 37 27.68 3.97 8.48
C ARG A 37 28.84 3.49 9.36
N THR A 38 28.58 2.54 10.27
CA THR A 38 29.58 2.05 11.21
C THR A 38 30.19 0.74 10.76
N LYS A 39 29.67 0.17 9.68
CA LYS A 39 30.12 -1.11 9.15
C LYS A 39 30.01 -2.24 10.18
N GLU A 40 29.16 -2.12 11.19
CA GLU A 40 28.88 -3.25 12.05
C GLU A 40 27.46 -3.75 11.88
N ILE A 41 27.22 -4.94 12.42
CA ILE A 41 25.96 -5.64 12.25
C ILE A 41 24.97 -5.14 13.29
N PHE A 42 23.88 -4.56 12.81
CA PHE A 42 22.77 -4.16 13.66
C PHE A 42 22.08 -5.38 14.26
N GLY A 43 21.99 -6.48 13.52
CA GLY A 43 21.19 -7.60 13.95
C GLY A 43 21.02 -8.60 12.82
N TYR A 44 20.12 -9.55 13.04
CA TYR A 44 19.84 -10.64 12.10
C TYR A 44 18.35 -10.87 12.06
N GLU A 45 17.81 -11.05 10.85
CA GLU A 45 16.43 -11.49 10.71
C GLU A 45 16.39 -13.00 10.77
N ALA A 46 15.46 -13.54 11.55
CA ALA A 46 15.22 -14.97 11.63
C ALA A 46 14.24 -15.38 10.52
N LEU A 47 14.68 -16.33 9.68
CA LEU A 47 13.90 -16.80 8.53
C LEU A 47 13.76 -18.31 8.60
N VAL A 48 12.53 -18.76 8.52
CA VAL A 48 12.21 -20.16 8.75
C VAL A 48 12.67 -21.01 7.57
N ARG A 49 13.22 -22.19 7.88
CA ARG A 49 13.62 -23.17 6.88
C ARG A 49 13.19 -24.55 7.32
N GLY A 50 13.03 -25.44 6.35
CA GLY A 50 12.84 -26.84 6.65
C GLY A 50 14.14 -27.50 7.05
N LEU A 51 14.01 -28.71 7.62
CA LEU A 51 15.16 -29.31 8.29
C LEU A 51 16.32 -29.58 7.35
N ASN A 52 16.08 -29.63 6.04
CA ASN A 52 17.13 -29.75 5.04
C ASN A 52 17.27 -28.46 4.24
N ASN A 53 17.12 -27.32 4.92
CA ASN A 53 17.20 -26.00 4.29
C ASN A 53 16.16 -25.86 3.18
N GLU A 54 15.03 -26.53 3.33
CA GLU A 54 13.89 -26.28 2.45
C GLU A 54 13.45 -24.82 2.60
N SER A 55 12.70 -24.34 1.61
CA SER A 55 12.35 -22.93 1.51
C SER A 55 11.37 -22.51 2.60
N ALA A 56 11.37 -21.21 2.88
CA ALA A 56 10.44 -20.64 3.86
C ALA A 56 8.99 -20.94 3.45
N TYR A 57 8.64 -20.68 2.20
CA TYR A 57 7.27 -20.89 1.74
C TYR A 57 6.85 -22.35 1.88
N SER A 58 7.75 -23.29 1.57
CA SER A 58 7.44 -24.71 1.72
C SER A 58 7.18 -25.09 3.16
N VAL A 59 7.69 -24.31 4.12
CA VAL A 59 7.34 -24.55 5.52
C VAL A 59 6.01 -23.91 5.85
N ILE A 60 5.85 -22.63 5.50
CA ILE A 60 4.66 -21.86 5.83
C ILE A 60 3.43 -22.41 5.11
N SER A 61 3.63 -23.05 3.95
CA SER A 61 2.52 -23.66 3.24
C SER A 61 1.91 -24.83 4.00
N ARG A 62 2.60 -25.35 5.02
CA ARG A 62 2.04 -26.37 5.88
C ARG A 62 1.35 -25.77 7.10
N VAL A 63 1.46 -24.47 7.30
CA VAL A 63 0.79 -23.77 8.40
C VAL A 63 -0.63 -23.46 7.97
N ASN A 64 -1.60 -24.03 8.67
CA ASN A 64 -3.00 -23.73 8.39
C ASN A 64 -3.63 -23.05 9.61
N GLU A 65 -4.96 -23.00 9.58
CA GLU A 65 -5.70 -22.21 10.56
C GLU A 65 -5.69 -22.83 11.95
N ASP A 66 -5.63 -24.17 12.02
CA ASP A 66 -5.71 -24.85 13.31
C ASP A 66 -4.40 -24.77 14.09
N ASN A 67 -3.26 -24.85 13.40
CA ASN A 67 -1.96 -24.85 14.06
C ASN A 67 -1.22 -23.52 13.86
N ARG A 68 -1.97 -22.41 13.82
CA ARG A 68 -1.34 -21.11 13.60
C ARG A 68 -0.71 -20.58 14.88
N TYR A 69 -1.39 -20.71 16.01
CA TYR A 69 -0.83 -20.26 17.27
C TYR A 69 0.34 -21.14 17.72
N LEU A 70 0.29 -22.44 17.40
CA LEU A 70 1.40 -23.33 17.72
C LEU A 70 2.63 -23.00 16.88
N PHE A 71 2.43 -22.81 15.58
CA PHE A 71 3.53 -22.48 14.68
C PHE A 71 4.12 -21.11 15.01
N ASP A 72 3.25 -20.13 15.29
CA ASP A 72 3.70 -18.81 15.72
C ASP A 72 4.65 -18.92 16.91
N GLN A 73 4.21 -19.60 17.97
CA GLN A 73 5.03 -19.71 19.17
C GLN A 73 6.34 -20.46 18.89
N MET A 74 6.25 -21.57 18.17
CA MET A 74 7.45 -22.36 17.90
C MET A 74 8.48 -21.57 17.09
N CYS A 75 8.03 -20.75 16.13
CA CYS A 75 8.97 -19.87 15.41
C CYS A 75 9.68 -18.95 16.38
N ARG A 76 8.94 -18.36 17.31
CA ARG A 76 9.53 -17.41 18.24
C ARG A 76 10.55 -18.10 19.11
N VAL A 77 10.15 -19.18 19.79
CA VAL A 77 11.07 -19.92 20.63
C VAL A 77 12.27 -20.39 19.82
N LYS A 78 12.03 -20.93 18.63
CA LYS A 78 13.13 -21.47 17.82
C LYS A 78 14.10 -20.39 17.39
N ALA A 79 13.60 -19.20 17.03
CA ALA A 79 14.51 -18.14 16.66
C ALA A 79 15.31 -17.67 17.88
N ILE A 80 14.65 -17.54 19.03
CA ILE A 80 15.34 -17.05 20.23
C ILE A 80 16.38 -18.05 20.71
N ALA A 81 15.99 -19.33 20.78
CA ALA A 81 16.92 -20.36 21.23
C ALA A 81 18.13 -20.49 20.31
N LEU A 82 17.91 -20.46 19.00
CA LEU A 82 19.03 -20.64 18.08
C LEU A 82 19.95 -19.42 18.07
N ALA A 83 19.38 -18.22 18.06
CA ALA A 83 20.20 -17.03 18.10
C ALA A 83 21.07 -17.03 19.35
N ALA A 84 20.48 -17.36 20.50
CA ALA A 84 21.26 -17.44 21.73
C ALA A 84 22.30 -18.56 21.66
N LYS A 85 21.93 -19.72 21.11
CA LYS A 85 22.89 -20.82 21.01
C LYS A 85 24.06 -20.45 20.11
N LEU A 86 23.82 -19.59 19.13
CA LEU A 86 24.84 -19.10 18.22
C LEU A 86 25.57 -17.87 18.76
N GLY A 87 25.13 -17.34 19.90
CA GLY A 87 25.83 -16.26 20.55
C GLY A 87 25.55 -14.89 20.00
N LEU A 88 24.37 -14.68 19.41
CA LEU A 88 23.98 -13.38 18.89
C LEU A 88 23.96 -12.35 20.02
N THR A 89 24.74 -11.28 19.87
CA THR A 89 24.72 -10.21 20.86
C THR A 89 24.12 -8.92 20.34
N SER A 90 23.73 -8.87 19.07
CA SER A 90 23.02 -7.71 18.54
C SER A 90 21.53 -8.07 18.45
N LYS A 91 20.78 -7.42 17.55
CA LYS A 91 19.33 -7.54 17.58
C LYS A 91 18.84 -8.78 16.82
N LEU A 92 17.74 -9.34 17.32
CA LEU A 92 17.07 -10.44 16.67
C LEU A 92 15.72 -9.95 16.13
N SER A 93 15.49 -10.08 14.83
CA SER A 93 14.27 -9.61 14.18
C SER A 93 13.38 -10.79 13.81
N ILE A 94 12.11 -10.74 14.25
CA ILE A 94 11.19 -11.85 14.07
C ILE A 94 9.93 -11.32 13.40
N ASN A 95 9.59 -11.87 12.23
CA ASN A 95 8.36 -11.57 11.54
C ASN A 95 7.15 -11.94 12.39
N PHE A 96 6.26 -10.98 12.63
CA PHE A 96 5.04 -11.24 13.39
C PHE A 96 3.99 -11.84 12.48
N LEU A 97 3.48 -13.02 12.87
CA LEU A 97 2.55 -13.79 12.06
C LEU A 97 1.38 -12.92 11.63
N PRO A 98 1.28 -12.61 10.33
CA PRO A 98 0.36 -11.57 9.86
C PRO A 98 -1.09 -11.77 10.26
N ASN A 99 -1.46 -13.00 10.55
CA ASN A 99 -2.83 -13.30 10.96
C ASN A 99 -3.15 -12.58 12.26
N ALA A 100 -3.91 -11.48 12.15
CA ALA A 100 -4.23 -10.60 13.26
C ALA A 100 -4.75 -11.35 14.47
N ILE A 101 -3.83 -12.03 15.17
CA ILE A 101 -4.24 -12.81 16.33
C ILE A 101 -4.70 -11.88 17.45
N TYR A 102 -5.54 -12.41 18.32
CA TYR A 102 -6.25 -11.61 19.30
C TYR A 102 -5.78 -11.97 20.71
N VAL A 103 -6.27 -11.20 21.67
CA VAL A 103 -5.71 -11.16 23.02
C VAL A 103 -4.20 -11.05 22.85
N PRO A 104 -3.67 -9.89 22.41
CA PRO A 104 -2.23 -9.77 22.16
C PRO A 104 -1.39 -10.21 23.35
N GLU A 105 -2.02 -10.21 24.53
CA GLU A 105 -1.38 -10.65 25.75
C GLU A 105 -1.31 -12.18 25.86
N ARG A 106 -2.21 -12.90 25.19
CA ARG A 106 -2.19 -14.36 25.30
C ARG A 106 -1.03 -14.93 24.47
N CYS A 107 -0.19 -15.72 25.14
CA CYS A 107 1.02 -16.30 24.54
C CYS A 107 2.02 -15.24 24.10
N ILE A 108 1.99 -14.08 24.76
CA ILE A 108 3.20 -13.25 24.75
C ILE A 108 4.14 -13.69 25.87
N ARG A 109 3.60 -14.32 26.91
CA ARG A 109 4.46 -14.86 27.96
C ARG A 109 5.29 -16.04 27.46
N THR A 110 4.85 -16.71 26.40
CA THR A 110 5.67 -17.77 25.82
C THR A 110 6.89 -17.20 25.12
N THR A 111 6.80 -15.95 24.67
CA THR A 111 7.98 -15.26 24.14
C THR A 111 8.80 -14.64 25.24
N LEU A 112 8.14 -14.12 26.28
CA LEU A 112 8.86 -13.58 27.43
C LEU A 112 9.62 -14.68 28.16
N GLU A 113 8.99 -15.85 28.35
CA GLU A 113 9.65 -16.97 28.99
C GLU A 113 10.89 -17.40 28.21
N ALA A 114 10.77 -17.53 26.88
CA ALA A 114 11.88 -18.00 26.08
C ALA A 114 13.06 -17.04 26.18
N ALA A 115 12.81 -15.74 26.06
CA ALA A 115 13.89 -14.77 26.14
C ALA A 115 14.58 -14.78 27.50
N LYS A 116 13.85 -15.16 28.57
CA LYS A 116 14.45 -15.23 29.89
C LYS A 116 15.30 -16.47 30.05
N ARG A 117 14.85 -17.60 29.50
CA ARG A 117 15.63 -18.83 29.65
C ARG A 117 16.92 -18.76 28.86
N TYR A 118 16.97 -17.95 27.80
CA TYR A 118 18.19 -17.71 27.05
C TYR A 118 18.79 -16.33 27.35
N GLN A 119 18.34 -15.68 28.41
CA GLN A 119 18.95 -14.43 28.89
C GLN A 119 19.07 -13.41 27.76
N PHE A 120 18.01 -13.27 26.98
CA PHE A 120 18.06 -12.46 25.77
C PHE A 120 17.16 -11.24 25.94
N PRO A 121 17.71 -10.04 26.00
CA PRO A 121 16.92 -8.85 26.36
C PRO A 121 15.75 -8.61 25.41
N ILE A 122 14.56 -8.39 25.99
CA ILE A 122 13.38 -7.99 25.22
C ILE A 122 13.72 -6.85 24.28
N GLU A 123 14.57 -5.92 24.74
CA GLU A 123 14.95 -4.75 23.97
C GLU A 123 15.78 -5.12 22.74
N ASN A 124 16.42 -6.29 22.74
CA ASN A 124 17.14 -6.74 21.57
C ASN A 124 16.27 -7.51 20.59
N ILE A 125 14.96 -7.57 20.82
CA ILE A 125 14.05 -8.33 19.96
C ILE A 125 13.16 -7.34 19.23
N MET A 126 13.18 -7.43 17.91
CA MET A 126 12.35 -6.58 17.06
C MET A 126 11.35 -7.49 16.35
N PHE A 127 10.08 -7.11 16.41
CA PHE A 127 9.04 -7.76 15.62
C PHE A 127 8.75 -6.94 14.37
N GLU A 128 8.77 -7.62 13.23
CA GLU A 128 8.49 -7.04 11.92
C GLU A 128 7.06 -7.38 11.55
N PHE A 129 6.23 -6.35 11.37
CA PHE A 129 4.84 -6.53 11.01
C PHE A 129 4.74 -6.37 9.51
N THR A 130 4.45 -7.48 8.82
CA THR A 130 4.37 -7.52 7.37
C THR A 130 2.89 -7.69 7.03
N GLU A 131 2.14 -6.60 7.13
CA GLU A 131 0.70 -6.68 6.94
C GLU A 131 0.36 -7.13 5.52
N ALA A 132 -0.22 -8.34 5.40
CA ALA A 132 -0.61 -8.91 4.12
C ALA A 132 -1.61 -10.03 4.35
N GLU A 133 -2.78 -9.68 4.88
CA GLU A 133 -3.77 -10.65 5.31
C GLU A 133 -4.96 -10.66 4.35
N ARG A 134 -5.96 -11.47 4.69
CA ARG A 134 -7.11 -11.65 3.80
C ARG A 134 -8.03 -10.44 3.80
N VAL A 135 -8.14 -9.74 4.93
CA VAL A 135 -9.07 -8.63 5.05
C VAL A 135 -8.29 -7.34 5.31
N GLU A 136 -8.46 -6.37 4.42
CA GLU A 136 -7.89 -5.04 4.44
C GLU A 136 -8.51 -4.13 5.49
N ASP A 137 -9.15 -4.69 6.51
CA ASP A 137 -9.84 -3.91 7.53
C ASP A 137 -9.08 -3.86 8.84
N VAL A 138 -8.02 -4.65 8.99
CA VAL A 138 -7.39 -4.87 10.28
C VAL A 138 -6.38 -3.76 10.50
N ASN A 139 -6.83 -2.68 11.14
CA ASN A 139 -5.95 -1.65 11.66
C ASN A 139 -5.52 -1.92 13.08
N HIS A 140 -6.17 -2.88 13.76
CA HIS A 140 -5.88 -3.21 15.15
C HIS A 140 -4.56 -3.96 15.33
N ILE A 141 -3.80 -4.16 14.25
CA ILE A 141 -2.39 -4.40 14.43
C ILE A 141 -1.78 -3.22 15.17
N LYS A 142 -2.47 -2.07 15.16
CA LYS A 142 -2.03 -0.96 15.99
C LYS A 142 -2.09 -1.32 17.47
N ARG A 143 -3.15 -2.02 17.90
CA ARG A 143 -3.21 -2.52 19.27
C ARG A 143 -2.01 -3.38 19.59
N ILE A 144 -1.61 -4.23 18.65
CA ILE A 144 -0.52 -5.17 18.92
C ILE A 144 0.82 -4.45 18.98
N VAL A 145 1.05 -3.51 18.05
CA VAL A 145 2.31 -2.75 18.00
C VAL A 145 2.48 -1.93 19.27
N GLU A 146 1.44 -1.22 19.70
CA GLU A 146 1.54 -0.37 20.87
C GLU A 146 1.69 -1.20 22.15
N TYR A 147 1.07 -2.38 22.19
CA TYR A 147 1.31 -3.30 23.30
C TYR A 147 2.76 -3.76 23.33
N TYR A 148 3.24 -4.27 22.19
CA TYR A 148 4.61 -4.78 22.15
C TYR A 148 5.62 -3.68 22.46
N LYS A 149 5.41 -2.46 21.93
CA LYS A 149 6.27 -1.36 22.31
C LYS A 149 6.20 -1.10 23.82
N SER A 150 5.05 -1.33 24.46
CA SER A 150 4.93 -1.06 25.88
C SER A 150 5.74 -2.05 26.70
N LEU A 151 5.93 -3.27 26.20
CA LEU A 151 6.77 -4.25 26.88
C LEU A 151 8.25 -4.04 26.61
N GLY A 152 8.62 -3.13 25.72
CA GLY A 152 10.01 -2.85 25.43
C GLY A 152 10.53 -3.42 24.12
N PHE A 153 9.73 -4.24 23.44
CA PHE A 153 10.15 -4.75 22.13
C PHE A 153 10.36 -3.61 21.15
N GLN A 154 11.33 -3.80 20.25
CA GLN A 154 11.39 -2.95 19.07
C GLN A 154 10.34 -3.41 18.07
N THR A 155 9.98 -2.51 17.15
CA THR A 155 8.98 -2.80 16.16
C THR A 155 9.42 -2.29 14.79
N ALA A 156 8.93 -2.95 13.75
CA ALA A 156 9.19 -2.52 12.39
C ALA A 156 7.97 -2.78 11.53
N ILE A 157 7.77 -1.90 10.55
CA ILE A 157 6.89 -2.17 9.43
C ILE A 157 7.72 -2.84 8.35
N ASP A 158 7.31 -4.02 7.94
CA ASP A 158 8.00 -4.74 6.90
C ASP A 158 7.31 -4.56 5.55
N ASP A 159 8.09 -4.73 4.48
CA ASP A 159 7.56 -4.67 3.10
C ASP A 159 6.79 -3.38 2.84
N PHE A 160 7.28 -2.27 3.39
CA PHE A 160 6.69 -0.99 3.07
C PHE A 160 6.87 -0.70 1.58
N GLY A 161 5.79 -0.34 0.89
CA GLY A 161 5.86 -0.16 -0.53
C GLY A 161 5.48 -1.38 -1.34
N SER A 162 4.85 -2.36 -0.71
CA SER A 162 4.34 -3.52 -1.41
C SER A 162 3.09 -4.02 -0.71
N GLY A 163 2.28 -4.76 -1.43
CA GLY A 163 1.18 -5.47 -0.82
C GLY A 163 0.24 -4.55 -0.09
N TYR A 164 0.02 -4.84 1.19
CA TYR A 164 -0.80 -3.99 2.04
C TYR A 164 0.01 -3.04 2.89
N SER A 165 1.28 -3.36 3.10
CA SER A 165 2.15 -2.55 3.95
C SER A 165 2.38 -1.23 3.25
N GLY A 166 1.60 -0.22 3.64
CA GLY A 166 1.63 1.06 2.98
C GLY A 166 1.55 2.24 3.92
N LEU A 167 1.29 3.41 3.33
CA LEU A 167 1.14 4.63 4.10
C LEU A 167 -0.01 4.53 5.09
N ASN A 168 -1.02 3.72 4.77
CA ASN A 168 -2.16 3.53 5.66
C ASN A 168 -1.73 3.04 7.03
N LEU A 169 -0.63 2.28 7.10
CA LEU A 169 -0.10 1.85 8.38
C LEU A 169 0.58 3.00 9.10
N LEU A 170 1.51 3.70 8.42
CA LEU A 170 2.17 4.87 9.02
C LEU A 170 1.18 5.91 9.53
N ALA A 171 0.01 6.02 8.90
CA ALA A 171 -0.90 7.09 9.27
C ALA A 171 -1.42 6.93 10.69
N ASP A 172 -1.65 5.68 11.11
CA ASP A 172 -2.28 5.42 12.39
C ASP A 172 -1.29 5.03 13.49
N PHE A 173 -0.11 4.49 13.17
CA PHE A 173 0.89 4.18 14.19
C PHE A 173 2.28 4.17 13.58
N GLN A 174 3.28 4.40 14.42
CA GLN A 174 4.65 4.52 13.96
C GLN A 174 5.52 3.53 14.72
N THR A 175 6.37 2.82 14.00
CA THR A 175 7.28 1.86 14.57
C THR A 175 8.67 2.46 14.67
N ASN A 176 9.56 1.78 15.39
CA ASN A 176 10.95 2.22 15.40
C ASN A 176 11.56 2.22 14.00
N ILE A 177 11.21 1.24 13.19
CA ILE A 177 11.92 1.03 11.93
C ILE A 177 10.88 0.78 10.85
N VAL A 178 11.23 1.12 9.61
CA VAL A 178 10.42 0.78 8.43
C VAL A 178 11.35 0.12 7.43
N LYS A 179 11.10 -1.15 7.14
CA LYS A 179 11.82 -1.87 6.09
C LYS A 179 11.16 -1.60 4.74
N VAL A 180 11.81 -0.77 3.94
CA VAL A 180 11.33 -0.46 2.59
C VAL A 180 11.42 -1.70 1.72
N ASP A 181 10.32 -2.08 1.09
CA ASP A 181 10.28 -3.31 0.29
C ASP A 181 11.34 -3.27 -0.82
N MET A 182 11.89 -4.45 -1.11
CA MET A 182 12.96 -4.53 -2.11
C MET A 182 12.48 -4.17 -3.51
N GLY A 183 11.19 -4.26 -3.79
CA GLY A 183 10.69 -3.79 -5.08
C GLY A 183 11.05 -2.35 -5.33
N LEU A 184 10.98 -1.52 -4.29
CA LEU A 184 11.32 -0.09 -4.38
C LEU A 184 12.82 0.16 -4.42
N ILE A 185 13.63 -0.81 -4.00
CA ILE A 185 15.07 -0.60 -3.93
C ILE A 185 15.74 -1.05 -5.22
N ARG A 186 15.18 -2.05 -5.88
CA ARG A 186 15.85 -2.65 -7.03
C ARG A 186 16.16 -1.60 -8.09
N ASN A 187 17.45 -1.52 -8.44
CA ASN A 187 17.98 -0.72 -9.53
C ASN A 187 17.82 0.77 -9.29
N ILE A 188 17.64 1.17 -8.03
CA ILE A 188 17.29 2.55 -7.69
C ILE A 188 18.34 3.56 -8.11
N HIS A 189 19.61 3.14 -8.28
CA HIS A 189 20.66 4.05 -8.70
C HIS A 189 20.42 4.63 -10.10
N ALA A 190 19.51 4.03 -10.88
CA ALA A 190 19.25 4.57 -12.21
C ALA A 190 17.76 4.52 -12.58
N ASP A 191 16.88 4.45 -11.59
CA ASP A 191 15.43 4.50 -11.81
C ASP A 191 14.98 5.81 -11.19
N GLN A 192 14.67 6.79 -12.03
CA GLN A 192 14.37 8.13 -11.53
C GLN A 192 13.12 8.13 -10.66
N VAL A 193 12.13 7.31 -11.00
CA VAL A 193 10.89 7.28 -10.22
C VAL A 193 11.15 6.71 -8.82
N ARG A 194 11.85 5.58 -8.74
CA ARG A 194 12.15 5.01 -7.43
C ARG A 194 13.01 5.95 -6.61
N GLN A 195 13.87 6.72 -7.28
CA GLN A 195 14.70 7.71 -6.59
C GLN A 195 13.83 8.74 -5.91
N SER A 196 12.85 9.29 -6.63
CA SER A 196 11.94 10.26 -6.06
C SER A 196 11.08 9.64 -4.96
N ILE A 197 10.56 8.43 -5.18
CA ILE A 197 9.80 7.75 -4.13
C ILE A 197 10.64 7.65 -2.86
N MET A 198 11.88 7.19 -3.01
CA MET A 198 12.71 7.00 -1.82
C MET A 198 13.09 8.35 -1.21
N LYS A 199 13.47 9.33 -2.03
CA LYS A 199 13.83 10.63 -1.47
C LYS A 199 12.70 11.21 -0.63
N ASN A 200 11.46 11.15 -1.14
CA ASN A 200 10.36 11.76 -0.40
C ASN A 200 9.91 10.87 0.78
N CYS A 201 10.07 9.55 0.68
CA CYS A 201 9.77 8.70 1.84
C CYS A 201 10.76 8.89 2.98
N LEU A 202 12.05 8.99 2.68
CA LEU A 202 13.04 9.20 3.74
C LEU A 202 12.75 10.47 4.52
N LYS A 203 12.38 11.56 3.83
CA LYS A 203 12.00 12.78 4.55
C LYS A 203 10.74 12.56 5.36
N LEU A 204 9.80 11.77 4.84
CA LEU A 204 8.67 11.35 5.66
C LEU A 204 9.15 10.60 6.91
N PHE A 205 9.97 9.57 6.71
CA PHE A 205 10.53 8.82 7.84
C PHE A 205 11.20 9.75 8.83
N SER A 206 12.10 10.61 8.34
CA SER A 206 12.73 11.59 9.22
C SER A 206 11.71 12.43 9.98
N ASP A 207 10.67 12.93 9.29
CA ASP A 207 9.66 13.74 9.97
C ASP A 207 8.94 12.93 11.04
N LEU A 208 8.81 11.61 10.86
CA LEU A 208 8.10 10.78 11.82
C LEU A 208 9.05 10.12 12.83
N ASN A 209 10.29 10.59 12.91
CA ASN A 209 11.37 9.98 13.70
C ASN A 209 11.35 8.46 13.62
N ILE A 210 11.38 7.97 12.39
CA ILE A 210 11.36 6.54 12.10
C ILE A 210 12.63 6.22 11.34
N GLN A 211 13.29 5.12 11.73
CA GLN A 211 14.56 4.78 11.11
C GLN A 211 14.33 3.92 9.88
N PRO A 212 14.88 4.29 8.73
CA PRO A 212 14.68 3.46 7.53
C PRO A 212 15.65 2.29 7.51
N LEU A 213 15.21 1.26 6.79
CA LEU A 213 15.99 0.07 6.50
C LEU A 213 15.64 -0.36 5.08
N ALA A 214 16.65 -0.43 4.19
CA ALA A 214 16.46 -0.92 2.83
C ALA A 214 16.74 -2.41 2.74
N GLU A 215 15.76 -3.17 2.28
CA GLU A 215 15.80 -4.61 2.15
C GLU A 215 16.11 -5.01 0.70
N GLY A 216 16.62 -6.22 0.54
CA GLY A 216 16.86 -6.77 -0.79
C GLY A 216 17.95 -6.09 -1.57
N VAL A 217 18.88 -5.40 -0.92
CA VAL A 217 20.02 -4.83 -1.63
C VAL A 217 20.84 -5.95 -2.23
N GLU A 218 21.06 -5.88 -3.55
CA GLU A 218 21.70 -6.94 -4.30
C GLU A 218 23.02 -6.53 -4.94
N SER A 219 23.29 -5.24 -5.08
CA SER A 219 24.46 -4.81 -5.83
C SER A 219 25.04 -3.59 -5.18
N HIS A 220 26.32 -3.36 -5.48
CA HIS A 220 27.02 -2.22 -4.91
C HIS A 220 26.39 -0.90 -5.36
N ALA A 221 25.94 -0.84 -6.62
CA ALA A 221 25.35 0.40 -7.13
C ALA A 221 24.11 0.80 -6.33
N GLU A 222 23.22 -0.15 -6.04
CA GLU A 222 22.10 0.14 -5.14
C GLU A 222 22.60 0.56 -3.76
N PHE A 223 23.50 -0.22 -3.17
CA PHE A 223 24.08 0.13 -1.88
C PHE A 223 24.58 1.57 -1.87
N ALA A 224 25.35 1.95 -2.90
CA ALA A 224 26.02 3.24 -2.88
C ALA A 224 25.03 4.39 -2.98
N TRP A 225 23.98 4.21 -3.78
CA TRP A 225 22.94 5.22 -3.85
C TRP A 225 22.18 5.33 -2.53
N LEU A 226 21.77 4.19 -1.96
CA LEU A 226 21.02 4.22 -0.72
C LEU A 226 21.81 4.94 0.38
N LYS A 227 23.11 4.73 0.41
CA LYS A 227 23.92 5.28 1.49
C LYS A 227 24.05 6.78 1.32
N ALA A 228 24.27 7.24 0.08
CA ALA A 228 24.24 8.67 -0.21
C ALA A 228 22.90 9.30 0.13
N ALA A 229 21.82 8.56 -0.05
CA ALA A 229 20.50 9.13 0.25
C ALA A 229 20.26 9.24 1.75
N GLY A 230 21.02 8.52 2.58
CA GLY A 230 20.85 8.65 4.01
C GLY A 230 20.44 7.37 4.72
N VAL A 231 20.27 6.27 4.00
CA VAL A 231 19.96 5.00 4.64
C VAL A 231 21.22 4.45 5.28
N GLU A 232 21.12 4.08 6.55
CA GLU A 232 22.19 3.40 7.26
C GLU A 232 21.98 1.89 7.33
N LEU A 233 20.78 1.46 7.73
CA LEU A 233 20.44 0.05 7.88
C LEU A 233 20.06 -0.60 6.56
N MET A 234 20.73 -1.71 6.23
CA MET A 234 20.48 -2.38 4.97
C MET A 234 20.58 -3.89 5.15
N GLN A 235 19.86 -4.61 4.29
CA GLN A 235 19.80 -6.07 4.35
C GLN A 235 19.74 -6.59 2.92
N GLY A 236 20.47 -7.64 2.60
CA GLY A 236 20.36 -8.16 1.26
C GLY A 236 21.51 -9.06 0.86
N TYR A 237 21.25 -9.81 -0.22
CA TYR A 237 22.24 -10.71 -0.77
C TYR A 237 23.58 -10.02 -1.00
N TYR A 238 23.57 -8.72 -1.32
CA TYR A 238 24.84 -8.01 -1.45
C TYR A 238 25.71 -8.15 -0.19
N PHE A 239 25.09 -8.04 0.99
CA PHE A 239 25.88 -8.14 2.23
C PHE A 239 26.09 -9.59 2.65
N ALA A 240 25.01 -10.37 2.71
CA ALA A 240 25.09 -11.80 2.98
C ALA A 240 23.72 -12.41 2.74
N LYS A 241 23.72 -13.59 2.15
CA LYS A 241 22.54 -14.43 2.06
C LYS A 241 22.19 -14.97 3.44
N PRO A 242 20.98 -15.46 3.64
CA PRO A 242 20.64 -16.07 4.93
C PRO A 242 21.52 -17.28 5.19
N GLY A 243 21.90 -17.46 6.45
CA GLY A 243 22.71 -18.61 6.79
C GLY A 243 21.95 -19.66 7.56
N PHE A 244 21.87 -20.87 7.01
CA PHE A 244 21.15 -21.95 7.68
C PHE A 244 21.78 -22.20 9.04
N GLU A 245 20.99 -21.99 10.10
CA GLU A 245 21.39 -22.25 11.47
C GLU A 245 22.75 -21.64 11.78
N SER A 246 23.07 -20.53 11.10
CA SER A 246 24.36 -19.89 11.25
C SER A 246 24.15 -18.38 11.20
N LEU A 247 25.12 -17.64 11.73
CA LEU A 247 25.07 -16.18 11.68
C LEU A 247 26.10 -15.73 10.67
N PRO A 248 25.68 -15.38 9.45
CA PRO A 248 26.65 -15.10 8.38
C PRO A 248 27.51 -13.89 8.67
N SER A 249 28.78 -14.01 8.29
CA SER A 249 29.67 -12.86 8.19
C SER A 249 29.28 -12.03 6.97
N VAL A 250 29.70 -10.77 6.98
CA VAL A 250 29.27 -9.82 5.97
C VAL A 250 30.38 -9.63 4.94
N ASN A 251 29.98 -9.57 3.65
CA ASN A 251 30.79 -9.32 2.46
C ASN A 251 32.05 -8.50 2.74
N PRO A 252 33.23 -9.05 2.44
CA PRO A 252 34.46 -8.26 2.54
C PRO A 252 34.50 -7.02 1.66
N GLU A 253 33.86 -7.03 0.48
CA GLU A 253 33.95 -5.87 -0.43
C GLU A 253 33.43 -4.61 0.23
N PHE A 254 32.40 -4.74 1.06
CA PHE A 254 31.83 -3.62 1.76
C PHE A 254 32.51 -3.33 3.09
N SER A 255 32.98 -4.37 3.79
CA SER A 255 33.58 -4.17 5.11
C SER A 255 35.05 -3.76 5.05
N GLU A 256 35.62 -3.64 3.85
CA GLU A 256 36.96 -3.10 3.65
C GLU A 256 37.02 -2.07 2.53
N ALA A 257 35.98 -1.96 1.70
CA ALA A 257 35.91 -1.06 0.56
C ALA A 257 37.06 -1.30 -0.41
N SER B 21 -28.31 -10.94 -21.61
CA SER B 21 -27.20 -11.14 -20.69
C SER B 21 -27.35 -10.22 -19.47
N LEU B 22 -28.58 -9.81 -19.20
CA LEU B 22 -28.89 -8.83 -18.15
C LEU B 22 -29.67 -9.55 -17.05
N ASP B 23 -28.95 -10.06 -16.04
CA ASP B 23 -29.60 -10.76 -14.94
C ASP B 23 -30.32 -9.82 -13.99
N PHE B 24 -29.93 -8.54 -13.98
CA PHE B 24 -30.48 -7.52 -13.11
C PHE B 24 -30.10 -6.18 -13.72
N ASP B 25 -30.71 -5.11 -13.22
CA ASP B 25 -30.41 -3.79 -13.74
C ASP B 25 -30.03 -2.85 -12.61
N PHE B 26 -29.28 -1.82 -12.98
CA PHE B 26 -28.79 -0.81 -12.06
C PHE B 26 -28.69 0.50 -12.83
N THR B 27 -28.17 1.53 -12.18
CA THR B 27 -27.97 2.83 -12.80
C THR B 27 -26.80 3.52 -12.08
N MET B 28 -26.70 4.85 -12.20
CA MET B 28 -25.53 5.57 -11.73
C MET B 28 -25.92 6.75 -10.86
N ALA B 29 -24.99 7.15 -10.00
CA ALA B 29 -24.97 8.46 -9.36
C ALA B 29 -23.67 9.17 -9.76
N PHE B 30 -23.64 10.49 -9.63
CA PHE B 30 -22.48 11.27 -10.04
C PHE B 30 -22.08 12.23 -8.93
N GLN B 31 -20.78 12.34 -8.67
CA GLN B 31 -20.29 13.22 -7.62
C GLN B 31 -19.22 14.15 -8.19
N PRO B 32 -19.37 15.46 -8.03
CA PRO B 32 -18.46 16.40 -8.67
C PRO B 32 -17.07 16.38 -8.06
N ILE B 33 -16.09 16.69 -8.91
CA ILE B 33 -14.71 16.94 -8.50
C ILE B 33 -14.45 18.41 -8.76
N VAL B 34 -13.92 19.12 -7.77
CA VAL B 34 -13.81 20.57 -7.85
C VAL B 34 -12.34 20.93 -7.95
N ASN B 35 -11.99 21.82 -8.88
CA ASN B 35 -10.65 22.37 -8.94
C ASN B 35 -10.70 23.66 -8.14
N CYS B 36 -10.11 23.63 -6.93
CA CYS B 36 -10.25 24.74 -6.01
C CYS B 36 -9.39 25.92 -6.38
N ARG B 37 -8.38 25.72 -7.24
CA ARG B 37 -7.63 26.86 -7.76
C ARG B 37 -8.47 27.67 -8.73
N THR B 38 -9.00 27.01 -9.77
CA THR B 38 -9.81 27.71 -10.77
C THR B 38 -11.27 27.86 -10.38
N LYS B 39 -11.68 27.32 -9.23
CA LYS B 39 -13.05 27.43 -8.71
C LYS B 39 -14.10 26.81 -9.65
N GLU B 40 -13.71 25.94 -10.56
CA GLU B 40 -14.67 25.31 -11.45
C GLU B 40 -14.64 23.80 -11.27
N ILE B 41 -15.67 23.15 -11.84
CA ILE B 41 -15.85 21.71 -11.72
C ILE B 41 -14.96 21.01 -12.74
N PHE B 42 -14.17 20.03 -12.27
CA PHE B 42 -13.29 19.28 -13.14
C PHE B 42 -14.05 18.17 -13.87
N GLY B 43 -14.96 17.50 -13.18
CA GLY B 43 -15.67 16.36 -13.73
C GLY B 43 -16.56 15.75 -12.68
N TYR B 44 -17.06 14.56 -12.99
CA TYR B 44 -17.89 13.82 -12.06
C TYR B 44 -17.43 12.37 -12.05
N GLU B 45 -17.31 11.79 -10.86
CA GLU B 45 -17.17 10.34 -10.76
C GLU B 45 -18.53 9.66 -10.87
N ALA B 46 -18.57 8.55 -11.60
CA ALA B 46 -19.77 7.73 -11.72
C ALA B 46 -19.73 6.61 -10.69
N LEU B 47 -20.79 6.55 -9.87
CA LEU B 47 -20.90 5.61 -8.77
C LEU B 47 -22.18 4.80 -8.95
N VAL B 48 -22.05 3.47 -8.98
CA VAL B 48 -23.20 2.63 -9.30
C VAL B 48 -24.21 2.66 -8.17
N ARG B 49 -25.49 2.68 -8.52
CA ARG B 49 -26.57 2.61 -7.56
C ARG B 49 -27.60 1.60 -8.05
N GLY B 50 -28.38 1.10 -7.11
CA GLY B 50 -29.52 0.29 -7.46
C GLY B 50 -30.61 1.13 -8.08
N LEU B 51 -31.57 0.45 -8.71
CA LEU B 51 -32.64 1.15 -9.38
C LEU B 51 -33.43 2.06 -8.44
N ASN B 52 -33.43 1.75 -7.15
CA ASN B 52 -34.08 2.58 -6.13
C ASN B 52 -33.06 3.23 -5.21
N ASN B 53 -31.96 3.70 -5.80
CA ASN B 53 -30.88 4.33 -5.04
C ASN B 53 -30.27 3.37 -4.03
N GLU B 54 -30.30 2.08 -4.33
CA GLU B 54 -29.63 1.10 -3.48
C GLU B 54 -28.12 1.28 -3.56
N SER B 55 -27.43 0.80 -2.53
CA SER B 55 -26.01 1.08 -2.37
C SER B 55 -25.20 0.45 -3.50
N ALA B 56 -24.02 1.04 -3.75
CA ALA B 56 -23.06 0.42 -4.67
C ALA B 56 -22.61 -0.94 -4.16
N TYR B 57 -22.45 -1.08 -2.83
CA TYR B 57 -22.11 -2.37 -2.24
C TYR B 57 -23.17 -3.42 -2.56
N SER B 58 -24.44 -3.04 -2.44
CA SER B 58 -25.54 -3.97 -2.74
C SER B 58 -25.55 -4.37 -4.21
N VAL B 59 -25.11 -3.50 -5.11
CA VAL B 59 -25.15 -3.82 -6.54
C VAL B 59 -23.96 -4.68 -6.94
N ILE B 60 -22.78 -4.36 -6.43
CA ILE B 60 -21.59 -5.16 -6.70
C ILE B 60 -21.61 -6.48 -5.94
N SER B 61 -22.41 -6.59 -4.88
CA SER B 61 -22.59 -7.88 -4.21
C SER B 61 -23.13 -8.94 -5.16
N ARG B 62 -24.02 -8.55 -6.08
CA ARG B 62 -24.62 -9.49 -7.02
C ARG B 62 -23.68 -9.86 -8.17
N VAL B 63 -22.51 -9.24 -8.24
CA VAL B 63 -21.53 -9.55 -9.28
C VAL B 63 -20.71 -10.76 -8.82
N ASN B 64 -20.80 -11.85 -9.57
CA ASN B 64 -19.90 -12.98 -9.39
C ASN B 64 -19.00 -13.11 -10.61
N GLU B 65 -18.35 -14.27 -10.73
CA GLU B 65 -17.42 -14.48 -11.83
C GLU B 65 -18.14 -14.58 -13.16
N ASP B 66 -19.35 -15.15 -13.18
CA ASP B 66 -20.05 -15.38 -14.43
C ASP B 66 -20.45 -14.08 -15.11
N ASN B 67 -20.97 -13.12 -14.35
CA ASN B 67 -21.39 -11.83 -14.90
C ASN B 67 -20.40 -10.73 -14.57
N ARG B 68 -19.09 -11.02 -14.58
CA ARG B 68 -18.10 -9.99 -14.27
C ARG B 68 -17.89 -9.05 -15.46
N TYR B 69 -17.46 -9.60 -16.59
CA TYR B 69 -17.22 -8.77 -17.77
C TYR B 69 -18.50 -8.11 -18.26
N LEU B 70 -19.65 -8.77 -18.09
CA LEU B 70 -20.92 -8.17 -18.46
C LEU B 70 -21.23 -6.95 -17.61
N PHE B 71 -21.18 -7.12 -16.28
CA PHE B 71 -21.44 -6.01 -15.38
C PHE B 71 -20.51 -4.82 -15.68
N ASP B 72 -19.21 -5.09 -15.79
CA ASP B 72 -18.23 -4.07 -16.13
C ASP B 72 -18.68 -3.25 -17.33
N GLN B 73 -18.90 -3.93 -18.47
CA GLN B 73 -19.22 -3.22 -19.69
C GLN B 73 -20.51 -2.41 -19.52
N MET B 74 -21.52 -2.98 -18.85
CA MET B 74 -22.74 -2.23 -18.58
C MET B 74 -22.46 -0.99 -17.74
N CYS B 75 -21.48 -1.07 -16.81
CA CYS B 75 -21.19 0.09 -15.96
C CYS B 75 -20.69 1.27 -16.78
N ARG B 76 -19.76 0.99 -17.70
CA ARG B 76 -19.15 2.04 -18.49
C ARG B 76 -20.16 2.69 -19.41
N VAL B 77 -20.93 1.86 -20.13
CA VAL B 77 -21.92 2.39 -21.07
C VAL B 77 -23.02 3.14 -20.32
N LYS B 78 -23.49 2.59 -19.20
CA LYS B 78 -24.54 3.26 -18.44
C LYS B 78 -24.06 4.62 -17.97
N ALA B 79 -22.79 4.70 -17.61
CA ALA B 79 -22.27 5.94 -17.06
C ALA B 79 -22.13 6.99 -18.15
N ILE B 80 -21.71 6.56 -19.34
CA ILE B 80 -21.53 7.47 -20.47
C ILE B 80 -22.89 7.95 -20.97
N ALA B 81 -23.84 7.04 -21.14
CA ALA B 81 -25.17 7.41 -21.63
C ALA B 81 -25.87 8.38 -20.68
N LEU B 82 -25.83 8.09 -19.37
CA LEU B 82 -26.44 8.99 -18.39
C LEU B 82 -25.74 10.33 -18.36
N ALA B 83 -24.41 10.32 -18.32
CA ALA B 83 -23.66 11.56 -18.32
C ALA B 83 -24.04 12.41 -19.52
N ALA B 84 -24.20 11.77 -20.69
CA ALA B 84 -24.53 12.48 -21.91
C ALA B 84 -25.98 12.95 -21.92
N LYS B 85 -26.89 12.15 -21.33
CA LYS B 85 -28.28 12.55 -21.19
C LYS B 85 -28.41 13.75 -20.26
N LEU B 86 -27.62 13.78 -19.18
CA LEU B 86 -27.62 14.84 -18.18
C LEU B 86 -26.87 16.09 -18.63
N GLY B 87 -26.20 16.05 -19.78
CA GLY B 87 -25.55 17.22 -20.32
C GLY B 87 -24.17 17.52 -19.78
N LEU B 88 -23.44 16.52 -19.30
CA LEU B 88 -22.11 16.73 -18.75
C LEU B 88 -21.15 17.23 -19.82
N THR B 89 -20.54 18.39 -19.57
CA THR B 89 -19.53 18.96 -20.44
C THR B 89 -18.10 18.82 -19.92
N SER B 90 -17.89 18.37 -18.68
CA SER B 90 -16.54 18.23 -18.16
C SER B 90 -16.18 16.75 -18.09
N LYS B 91 -15.23 16.40 -17.22
CA LYS B 91 -14.72 15.04 -17.30
C LYS B 91 -15.65 14.06 -16.60
N LEU B 92 -15.65 12.83 -17.10
CA LEU B 92 -16.42 11.73 -16.54
C LEU B 92 -15.42 10.68 -16.04
N SER B 93 -15.46 10.39 -14.74
CA SER B 93 -14.50 9.48 -14.12
C SER B 93 -15.15 8.15 -13.80
N ILE B 94 -14.55 7.07 -14.30
CA ILE B 94 -15.12 5.74 -14.21
C ILE B 94 -14.14 4.83 -13.47
N ASN B 95 -14.66 4.03 -12.55
CA ASN B 95 -13.85 3.06 -11.85
C ASN B 95 -13.57 1.86 -12.73
N PHE B 96 -12.29 1.54 -12.88
CA PHE B 96 -11.89 0.30 -13.53
C PHE B 96 -11.91 -0.79 -12.46
N LEU B 97 -12.91 -1.67 -12.53
CA LEU B 97 -13.06 -2.70 -11.52
C LEU B 97 -11.80 -3.55 -11.44
N PRO B 98 -11.32 -3.85 -10.24
CA PRO B 98 -10.26 -4.85 -10.10
C PRO B 98 -10.83 -6.23 -10.38
N ASN B 99 -9.94 -7.16 -10.72
CA ASN B 99 -10.33 -8.45 -11.28
C ASN B 99 -11.17 -8.28 -12.55
N ALA B 100 -10.94 -7.19 -13.29
CA ALA B 100 -11.63 -6.97 -14.56
C ALA B 100 -11.19 -7.99 -15.58
N ILE B 101 -11.34 -9.28 -15.23
CA ILE B 101 -10.85 -10.48 -15.91
C ILE B 101 -9.41 -10.36 -16.41
N TYR B 102 -8.79 -9.19 -16.18
CA TYR B 102 -7.46 -8.84 -16.67
C TYR B 102 -7.13 -9.51 -18.01
N VAL B 103 -7.86 -9.12 -19.05
CA VAL B 103 -7.45 -9.35 -20.44
C VAL B 103 -7.99 -8.27 -21.38
N PRO B 104 -8.13 -6.99 -20.99
CA PRO B 104 -8.65 -6.01 -21.95
C PRO B 104 -7.58 -5.60 -22.95
N GLU B 105 -7.98 -5.54 -24.21
CA GLU B 105 -7.15 -5.11 -25.31
C GLU B 105 -8.06 -4.96 -26.51
N ARG B 106 -8.96 -5.92 -26.65
CA ARG B 106 -10.02 -5.92 -27.65
C ARG B 106 -11.34 -5.43 -27.09
N CYS B 107 -11.67 -5.80 -25.86
CA CYS B 107 -12.95 -5.51 -25.21
C CYS B 107 -13.09 -4.07 -24.74
N ILE B 108 -12.24 -3.15 -25.19
CA ILE B 108 -12.46 -1.72 -24.94
C ILE B 108 -13.36 -1.11 -26.01
N ARG B 109 -13.78 -1.87 -27.01
CA ARG B 109 -14.57 -1.32 -28.11
C ARG B 109 -15.93 -0.82 -27.65
N THR B 110 -16.63 -1.62 -26.85
CA THR B 110 -17.92 -1.20 -26.29
C THR B 110 -17.83 0.16 -25.61
N THR B 111 -16.73 0.42 -24.90
CA THR B 111 -16.55 1.75 -24.29
C THR B 111 -16.32 2.80 -25.38
N LEU B 112 -15.55 2.46 -26.41
CA LEU B 112 -15.27 3.41 -27.48
C LEU B 112 -16.52 3.68 -28.32
N GLU B 113 -17.36 2.66 -28.53
CA GLU B 113 -18.57 2.86 -29.30
C GLU B 113 -19.56 3.71 -28.52
N ALA B 114 -19.71 3.43 -27.23
CA ALA B 114 -20.61 4.22 -26.39
C ALA B 114 -20.23 5.68 -26.42
N ALA B 115 -18.94 5.98 -26.23
CA ALA B 115 -18.48 7.37 -26.24
C ALA B 115 -18.76 8.05 -27.57
N LYS B 116 -18.62 7.33 -28.67
CA LYS B 116 -18.89 7.94 -29.98
C LYS B 116 -20.40 8.11 -30.21
N ARG B 117 -21.20 7.10 -29.90
CA ARG B 117 -22.64 7.19 -30.11
C ARG B 117 -23.26 8.34 -29.29
N TYR B 118 -22.84 8.48 -28.04
CA TYR B 118 -23.29 9.58 -27.21
C TYR B 118 -22.39 10.80 -27.35
N GLN B 119 -21.51 10.79 -28.33
CA GLN B 119 -20.69 11.95 -28.68
C GLN B 119 -19.95 12.48 -27.45
N PHE B 120 -19.37 11.56 -26.70
CA PHE B 120 -18.66 11.91 -25.49
C PHE B 120 -17.16 11.77 -25.72
N PRO B 121 -16.42 12.88 -25.75
CA PRO B 121 -15.00 12.82 -26.10
C PRO B 121 -14.22 11.86 -25.21
N ILE B 122 -13.50 10.94 -25.85
CA ILE B 122 -12.77 9.94 -25.09
C ILE B 122 -11.74 10.59 -24.20
N GLU B 123 -11.20 11.75 -24.60
CA GLU B 123 -10.22 12.43 -23.77
C GLU B 123 -10.81 13.04 -22.51
N ASN B 124 -12.13 13.10 -22.40
CA ASN B 124 -12.79 13.56 -21.18
C ASN B 124 -13.25 12.40 -20.33
N ILE B 125 -12.85 11.18 -20.65
CA ILE B 125 -13.17 10.02 -19.84
C ILE B 125 -11.91 9.62 -19.09
N MET B 126 -12.01 9.51 -17.77
CA MET B 126 -10.89 9.13 -16.92
C MET B 126 -11.23 7.79 -16.28
N PHE B 127 -10.27 6.88 -16.27
CA PHE B 127 -10.44 5.62 -15.55
C PHE B 127 -9.64 5.66 -14.26
N GLU B 128 -10.25 5.13 -13.20
CA GLU B 128 -9.66 5.13 -11.86
C GLU B 128 -9.27 3.70 -11.53
N PHE B 129 -7.97 3.46 -11.40
CA PHE B 129 -7.46 2.10 -11.22
C PHE B 129 -7.25 1.89 -9.74
N THR B 130 -8.15 1.12 -9.14
CA THR B 130 -8.07 0.80 -7.73
C THR B 130 -7.61 -0.65 -7.61
N GLU B 131 -6.30 -0.82 -7.67
CA GLU B 131 -5.54 -1.99 -7.22
C GLU B 131 -4.95 -2.83 -8.35
N ALA B 132 -4.19 -3.84 -7.95
CA ALA B 132 -3.46 -4.74 -8.81
C ALA B 132 -3.75 -6.17 -8.32
N GLU B 133 -5.01 -6.57 -8.38
CA GLU B 133 -5.44 -7.85 -7.81
C GLU B 133 -5.24 -9.00 -8.80
N ARG B 134 -4.01 -9.05 -9.31
CA ARG B 134 -3.46 -10.11 -10.13
C ARG B 134 -1.96 -10.10 -9.86
N VAL B 135 -1.61 -10.24 -8.58
CA VAL B 135 -0.23 -10.00 -8.13
C VAL B 135 0.73 -11.11 -8.54
N GLU B 136 0.23 -12.24 -9.08
CA GLU B 136 1.12 -13.22 -9.69
C GLU B 136 1.83 -12.65 -10.91
N ASP B 137 1.14 -11.78 -11.66
CA ASP B 137 1.75 -10.96 -12.71
C ASP B 137 2.11 -9.60 -12.13
N VAL B 138 3.21 -9.03 -12.60
CA VAL B 138 3.70 -7.76 -12.05
C VAL B 138 3.17 -6.60 -12.88
N ASN B 139 3.56 -6.55 -14.16
CA ASN B 139 3.21 -5.47 -15.06
C ASN B 139 1.74 -5.51 -15.51
N HIS B 140 0.85 -6.13 -14.73
CA HIS B 140 -0.48 -6.49 -15.24
C HIS B 140 -1.36 -5.26 -15.46
N ILE B 141 -1.64 -4.51 -14.39
CA ILE B 141 -2.46 -3.32 -14.58
C ILE B 141 -1.64 -2.18 -15.20
N LYS B 142 -0.31 -2.24 -15.11
CA LYS B 142 0.52 -1.36 -15.92
C LYS B 142 0.25 -1.58 -17.41
N ARG B 143 0.03 -2.85 -17.78
CA ARG B 143 -0.27 -3.17 -19.17
C ARG B 143 -1.57 -2.50 -19.62
N ILE B 144 -2.57 -2.47 -18.74
CA ILE B 144 -3.85 -1.87 -19.08
C ILE B 144 -3.76 -0.35 -19.08
N VAL B 145 -3.13 0.21 -18.04
CA VAL B 145 -3.04 1.67 -17.91
C VAL B 145 -2.38 2.27 -19.14
N GLU B 146 -1.21 1.75 -19.53
CA GLU B 146 -0.50 2.27 -20.69
C GLU B 146 -1.32 2.12 -21.96
N TYR B 147 -2.11 1.04 -22.05
CA TYR B 147 -2.97 0.84 -23.21
C TYR B 147 -4.08 1.89 -23.27
N TYR B 148 -4.72 2.17 -22.13
CA TYR B 148 -5.82 3.14 -22.16
C TYR B 148 -5.30 4.57 -22.34
N LYS B 149 -4.10 4.86 -21.81
CA LYS B 149 -3.47 6.15 -22.09
C LYS B 149 -3.14 6.25 -23.57
N SER B 150 -2.72 5.14 -24.18
CA SER B 150 -2.41 5.12 -25.61
C SER B 150 -3.63 5.39 -26.47
N LEU B 151 -4.82 5.14 -25.94
CA LEU B 151 -6.06 5.47 -26.63
C LEU B 151 -6.50 6.91 -26.39
N GLY B 152 -5.89 7.62 -25.43
CA GLY B 152 -6.27 8.99 -25.13
C GLY B 152 -7.13 9.15 -23.89
N PHE B 153 -7.41 8.06 -23.18
CA PHE B 153 -8.13 8.17 -21.92
C PHE B 153 -7.27 8.86 -20.88
N GLN B 154 -7.94 9.53 -19.96
CA GLN B 154 -7.31 9.93 -18.72
C GLN B 154 -7.24 8.73 -17.77
N THR B 155 -6.22 8.74 -16.91
CA THR B 155 -6.06 7.70 -15.91
C THR B 155 -5.82 8.30 -14.53
N ALA B 156 -6.23 7.56 -13.51
CA ALA B 156 -5.98 7.93 -12.13
C ALA B 156 -5.74 6.66 -11.31
N ILE B 157 -4.78 6.74 -10.39
CA ILE B 157 -4.67 5.75 -9.33
C ILE B 157 -5.64 6.16 -8.23
N ASP B 158 -6.52 5.25 -7.85
CA ASP B 158 -7.57 5.51 -6.89
C ASP B 158 -7.19 4.95 -5.53
N ASP B 159 -7.74 5.55 -4.47
CA ASP B 159 -7.53 5.08 -3.10
C ASP B 159 -6.04 4.95 -2.78
N PHE B 160 -5.27 5.96 -3.17
CA PHE B 160 -3.84 5.93 -2.85
C PHE B 160 -3.63 6.12 -1.36
N GLY B 161 -2.77 5.30 -0.76
CA GLY B 161 -2.55 5.43 0.65
C GLY B 161 -3.52 4.63 1.48
N SER B 162 -4.24 3.72 0.84
CA SER B 162 -5.06 2.79 1.57
C SER B 162 -4.95 1.43 0.91
N GLY B 163 -5.36 0.41 1.66
CA GLY B 163 -5.48 -0.89 1.05
C GLY B 163 -4.19 -1.35 0.41
N TYR B 164 -4.34 -2.04 -0.71
CA TYR B 164 -3.26 -2.55 -1.52
C TYR B 164 -2.78 -1.52 -2.55
N SER B 165 -3.44 -0.36 -2.60
CA SER B 165 -3.17 0.69 -3.60
C SER B 165 -2.24 1.72 -3.00
N GLY B 166 -0.96 1.66 -3.38
CA GLY B 166 0.00 2.58 -2.84
C GLY B 166 1.22 2.84 -3.70
N LEU B 167 2.37 2.93 -3.03
CA LEU B 167 3.61 3.33 -3.68
C LEU B 167 4.08 2.27 -4.67
N ASN B 168 3.80 0.99 -4.40
CA ASN B 168 4.18 -0.05 -5.33
C ASN B 168 3.63 0.21 -6.71
N LEU B 169 2.47 0.87 -6.80
CA LEU B 169 1.88 1.20 -8.09
C LEU B 169 2.64 2.34 -8.76
N LEU B 170 2.89 3.43 -8.02
CA LEU B 170 3.57 4.59 -8.59
C LEU B 170 4.97 4.25 -9.10
N ALA B 171 5.61 3.21 -8.53
CA ALA B 171 6.99 2.91 -8.87
C ALA B 171 7.12 2.38 -10.29
N ASP B 172 6.12 1.65 -10.78
CA ASP B 172 6.18 1.07 -12.11
C ASP B 172 5.33 1.75 -13.18
N PHE B 173 4.36 2.59 -12.81
CA PHE B 173 3.64 3.35 -13.82
C PHE B 173 3.01 4.57 -13.18
N GLN B 174 2.82 5.61 -13.99
CA GLN B 174 2.33 6.90 -13.52
C GLN B 174 1.09 7.29 -14.30
N THR B 175 0.05 7.67 -13.57
CA THR B 175 -1.19 8.12 -14.17
C THR B 175 -1.20 9.65 -14.23
N ASN B 176 -2.26 10.20 -14.83
CA ASN B 176 -2.38 11.65 -14.85
C ASN B 176 -2.68 12.18 -13.46
N ILE B 177 -3.43 11.43 -12.68
CA ILE B 177 -3.96 11.88 -11.41
C ILE B 177 -3.77 10.75 -10.40
N VAL B 178 -3.57 11.13 -9.15
CA VAL B 178 -3.63 10.18 -8.06
C VAL B 178 -4.64 10.71 -7.06
N LYS B 179 -5.67 9.91 -6.80
CA LYS B 179 -6.65 10.26 -5.80
C LYS B 179 -6.19 9.67 -4.48
N VAL B 180 -5.97 10.56 -3.52
CA VAL B 180 -5.50 10.20 -2.20
C VAL B 180 -6.69 9.73 -1.37
N ASP B 181 -6.54 8.56 -0.76
CA ASP B 181 -7.62 7.95 -0.03
C ASP B 181 -8.08 8.85 1.13
N MET B 182 -9.40 8.89 1.32
CA MET B 182 -10.00 9.75 2.35
C MET B 182 -9.60 9.35 3.75
N GLY B 183 -9.08 8.14 3.95
CA GLY B 183 -8.47 7.80 5.22
C GLY B 183 -7.28 8.69 5.55
N LEU B 184 -6.47 9.00 4.55
CA LEU B 184 -5.34 9.89 4.73
C LEU B 184 -5.76 11.33 4.89
N ILE B 185 -6.97 11.65 4.44
CA ILE B 185 -7.51 13.00 4.40
C ILE B 185 -8.23 13.33 5.71
N ARG B 186 -8.88 12.34 6.29
CA ARG B 186 -9.83 12.58 7.36
C ARG B 186 -9.16 13.31 8.52
N ASN B 187 -9.72 14.47 8.86
CA ASN B 187 -9.29 15.26 10.02
C ASN B 187 -7.86 15.73 9.89
N ILE B 188 -7.40 15.95 8.66
CA ILE B 188 -5.96 16.17 8.45
C ILE B 188 -5.53 17.53 9.02
N HIS B 189 -6.44 18.50 9.08
CA HIS B 189 -6.11 19.76 9.75
C HIS B 189 -5.70 19.55 11.22
N ALA B 190 -6.10 18.43 11.84
CA ALA B 190 -5.81 18.14 13.25
C ALA B 190 -4.72 17.10 13.49
N ASP B 191 -4.25 16.42 12.46
CA ASP B 191 -3.51 15.16 12.60
C ASP B 191 -2.12 15.35 12.01
N GLN B 192 -1.13 15.49 12.89
CA GLN B 192 0.19 15.90 12.42
C GLN B 192 0.90 14.79 11.65
N VAL B 193 0.57 13.53 11.91
CA VAL B 193 1.14 12.46 11.10
C VAL B 193 0.61 12.53 9.68
N ARG B 194 -0.70 12.75 9.54
CA ARG B 194 -1.30 12.86 8.21
C ARG B 194 -0.79 14.08 7.48
N GLN B 195 -0.57 15.18 8.21
CA GLN B 195 0.01 16.37 7.59
C GLN B 195 1.38 16.08 6.99
N SER B 196 2.18 15.23 7.65
CA SER B 196 3.49 14.94 7.10
C SER B 196 3.41 13.98 5.93
N ILE B 197 2.60 12.93 6.06
CA ILE B 197 2.41 12.02 4.92
C ILE B 197 2.01 12.81 3.68
N MET B 198 1.06 13.74 3.84
CA MET B 198 0.53 14.48 2.70
C MET B 198 1.54 15.49 2.16
N LYS B 199 2.25 16.21 3.04
CA LYS B 199 3.27 17.13 2.55
C LYS B 199 4.30 16.41 1.69
N ASN B 200 4.77 15.25 2.15
CA ASN B 200 5.79 14.53 1.41
C ASN B 200 5.24 13.77 0.20
N CYS B 201 4.00 13.28 0.24
CA CYS B 201 3.40 12.72 -0.97
C CYS B 201 3.18 13.81 -2.03
N LEU B 202 2.72 14.97 -1.61
CA LEU B 202 2.48 16.06 -2.56
C LEU B 202 3.76 16.40 -3.33
N LYS B 203 4.89 16.46 -2.64
CA LYS B 203 6.14 16.76 -3.31
C LYS B 203 6.56 15.60 -4.22
N LEU B 204 6.35 14.35 -3.78
CA LEU B 204 6.56 13.22 -4.66
C LEU B 204 5.68 13.30 -5.93
N PHE B 205 4.39 13.61 -5.76
CA PHE B 205 3.49 13.73 -6.91
C PHE B 205 3.96 14.84 -7.83
N SER B 206 4.38 15.96 -7.26
CA SER B 206 5.00 17.02 -8.05
C SER B 206 6.20 16.52 -8.85
N ASP B 207 7.11 15.75 -8.22
CA ASP B 207 8.33 15.32 -8.91
C ASP B 207 8.00 14.45 -10.11
N LEU B 208 7.02 13.57 -9.95
CA LEU B 208 6.53 12.67 -10.98
C LEU B 208 5.54 13.36 -11.93
N ASN B 209 5.23 14.63 -11.69
CA ASN B 209 4.33 15.40 -12.54
C ASN B 209 2.94 14.75 -12.59
N ILE B 210 2.46 14.34 -11.43
CA ILE B 210 1.14 13.77 -11.24
C ILE B 210 0.32 14.79 -10.49
N GLN B 211 -0.92 14.97 -10.92
CA GLN B 211 -1.81 15.94 -10.31
C GLN B 211 -2.53 15.28 -9.15
N PRO B 212 -2.45 15.84 -7.94
CA PRO B 212 -3.12 15.23 -6.80
C PRO B 212 -4.59 15.59 -6.73
N LEU B 213 -5.35 14.65 -6.16
CA LEU B 213 -6.77 14.82 -5.93
C LEU B 213 -7.10 14.28 -4.54
N ALA B 214 -7.65 15.13 -3.67
CA ALA B 214 -8.02 14.75 -2.31
C ALA B 214 -9.47 14.23 -2.30
N GLU B 215 -9.65 13.00 -1.85
CA GLU B 215 -10.94 12.34 -1.83
C GLU B 215 -11.56 12.39 -0.45
N GLY B 216 -12.90 12.39 -0.40
CA GLY B 216 -13.61 12.31 0.86
C GLY B 216 -13.56 13.54 1.72
N VAL B 217 -13.23 14.72 1.17
CA VAL B 217 -13.24 15.93 1.97
C VAL B 217 -14.63 16.09 2.55
N GLU B 218 -14.69 16.24 3.87
CA GLU B 218 -15.96 16.28 4.56
C GLU B 218 -16.24 17.61 5.24
N SER B 219 -15.22 18.41 5.51
CA SER B 219 -15.44 19.64 6.23
C SER B 219 -14.56 20.74 5.65
N HIS B 220 -14.87 21.96 6.08
CA HIS B 220 -14.12 23.13 5.63
C HIS B 220 -12.70 23.09 6.13
N ALA B 221 -12.52 22.72 7.40
CA ALA B 221 -11.20 22.69 8.00
C ALA B 221 -10.27 21.81 7.18
N GLU B 222 -10.71 20.61 6.82
CA GLU B 222 -9.92 19.74 5.95
C GLU B 222 -9.61 20.42 4.63
N PHE B 223 -10.65 21.00 3.98
CA PHE B 223 -10.50 21.66 2.69
C PHE B 223 -9.45 22.77 2.75
N ALA B 224 -9.55 23.62 3.78
CA ALA B 224 -8.67 24.77 3.90
C ALA B 224 -7.21 24.33 4.07
N TRP B 225 -6.99 23.22 4.76
CA TRP B 225 -5.63 22.75 4.96
C TRP B 225 -5.08 22.17 3.66
N LEU B 226 -5.83 21.25 3.06
CA LEU B 226 -5.45 20.71 1.76
C LEU B 226 -5.23 21.81 0.75
N LYS B 227 -6.12 22.82 0.72
CA LYS B 227 -5.91 23.92 -0.21
C LYS B 227 -4.61 24.66 0.08
N ALA B 228 -4.41 25.06 1.35
CA ALA B 228 -3.19 25.75 1.75
C ALA B 228 -1.93 24.95 1.42
N ALA B 229 -2.01 23.61 1.38
CA ALA B 229 -0.83 22.82 1.05
C ALA B 229 -0.68 22.57 -0.44
N GLY B 230 -1.56 23.12 -1.27
CA GLY B 230 -1.36 23.11 -2.69
C GLY B 230 -2.23 22.14 -3.46
N VAL B 231 -3.14 21.41 -2.81
CA VAL B 231 -4.07 20.58 -3.55
C VAL B 231 -5.06 21.47 -4.29
N GLU B 232 -5.31 21.16 -5.56
CA GLU B 232 -6.36 21.84 -6.33
C GLU B 232 -7.62 21.00 -6.45
N LEU B 233 -7.49 19.79 -6.98
CA LEU B 233 -8.62 18.90 -7.20
C LEU B 233 -9.05 18.25 -5.90
N MET B 234 -10.34 18.34 -5.58
CA MET B 234 -10.89 17.72 -4.38
C MET B 234 -12.28 17.17 -4.67
N GLN B 235 -12.71 16.24 -3.82
CA GLN B 235 -13.99 15.56 -3.97
C GLN B 235 -14.50 15.16 -2.58
N GLY B 236 -15.80 15.30 -2.35
CA GLY B 236 -16.33 14.86 -1.07
C GLY B 236 -17.61 15.58 -0.69
N TYR B 237 -18.25 15.06 0.37
CA TYR B 237 -19.50 15.61 0.88
C TYR B 237 -19.41 17.10 1.17
N TYR B 238 -18.23 17.62 1.53
CA TYR B 238 -18.13 19.06 1.77
C TYR B 238 -18.57 19.86 0.54
N PHE B 239 -18.23 19.35 -0.65
CA PHE B 239 -18.63 19.99 -1.90
C PHE B 239 -20.01 19.53 -2.36
N ALA B 240 -20.21 18.23 -2.49
CA ALA B 240 -21.55 17.72 -2.77
C ALA B 240 -21.54 16.22 -2.59
N LYS B 241 -22.66 15.70 -2.12
CA LYS B 241 -22.85 14.27 -2.05
C LYS B 241 -23.18 13.76 -3.45
N PRO B 242 -22.95 12.48 -3.73
CA PRO B 242 -23.37 11.92 -5.02
C PRO B 242 -24.85 12.16 -5.29
N GLY B 243 -25.17 12.46 -6.54
CA GLY B 243 -26.55 12.74 -6.95
C GLY B 243 -27.12 11.60 -7.79
N PHE B 244 -28.21 11.03 -7.29
CA PHE B 244 -28.85 9.91 -7.98
C PHE B 244 -29.31 10.34 -9.36
N GLU B 245 -28.77 9.67 -10.40
CA GLU B 245 -29.03 9.98 -11.80
C GLU B 245 -29.05 11.48 -12.06
N SER B 246 -28.22 12.24 -11.35
CA SER B 246 -28.18 13.69 -11.51
C SER B 246 -26.74 14.18 -11.38
N LEU B 247 -26.54 15.46 -11.73
CA LEU B 247 -25.25 16.13 -11.69
C LEU B 247 -25.33 17.21 -10.62
N PRO B 248 -24.91 16.91 -9.38
CA PRO B 248 -25.15 17.86 -8.28
C PRO B 248 -24.37 19.14 -8.45
N SER B 249 -24.97 20.23 -7.97
CA SER B 249 -24.29 21.51 -7.94
C SER B 249 -23.38 21.57 -6.72
N VAL B 250 -22.39 22.44 -6.77
CA VAL B 250 -21.33 22.45 -5.78
C VAL B 250 -21.60 23.55 -4.76
N ASN B 251 -21.33 23.25 -3.49
CA ASN B 251 -21.79 24.07 -2.37
C ASN B 251 -21.35 25.52 -2.52
N PRO B 252 -22.23 26.48 -2.27
CA PRO B 252 -21.82 27.90 -2.39
C PRO B 252 -20.83 28.36 -1.34
N GLU B 253 -20.75 27.72 -0.16
CA GLU B 253 -19.90 28.25 0.92
C GLU B 253 -18.42 28.28 0.53
N PHE B 254 -17.98 27.30 -0.24
CA PHE B 254 -16.58 27.33 -0.70
C PHE B 254 -16.38 28.35 -1.81
N SER B 255 -17.39 28.53 -2.70
CA SER B 255 -17.33 29.46 -3.82
C SER B 255 -17.87 30.85 -3.46
N GLU B 256 -18.11 31.11 -2.17
CA GLU B 256 -18.38 32.47 -1.68
C GLU B 256 -17.37 32.89 -0.62
N ALA B 257 -16.25 32.17 -0.51
CA ALA B 257 -15.18 32.46 0.45
C ALA B 257 -15.72 32.64 1.87
OAC 4BW C . 19.06 -9.09 -1.71
CBC 4BW C . 18.12 -9.81 -1.85
NAT 4BW C . 17.56 -10.03 -3.16
CBA 4BW C . 16.44 -10.89 -3.32
NAA 4BW C . 15.92 -11.11 -4.66
NAS 4BW C . 15.83 -11.57 -2.17
CBG 4BW C . 16.39 -11.31 -0.81
CBE 4BW C . 17.47 -10.50 -0.64
NAR 4BW C . 17.76 -10.47 0.67
CAL 4BW C . 16.87 -11.26 1.33
NBQ 4BW C . 16.04 -11.78 0.41
CBO 4BW C . 14.99 -12.68 0.83
CBI 4BW C . 15.23 -13.21 1.98
OAG 4BW C . 16.02 -14.44 1.84
OAX 4BW C . 13.68 -11.78 1.09
CBK 4BW C . 12.94 -12.41 1.99
CAN 4BW C . 12.62 -11.41 3.15
OAV 4BW C . 11.85 -12.10 4.08
PBR 4BW C . 10.28 -11.44 4.24
O3' 4BW C . 9.27 -12.79 3.68
OAH 4BW C . 10.10 -10.06 3.59
OAD 4BW C . 10.00 -11.24 5.74
CBM 4BW C . 13.79 -13.59 2.47
OAZ 4BW C . 13.44 -14.73 1.84
PBS 4BW C . 12.49 -15.80 2.64
OAI 4BW C . 12.17 -16.90 1.60
OAE 4BW C . 13.21 -16.53 3.77
O5' 4BW C . 10.99 -15.05 3.12
C5' 4BW C . 9.76 -15.82 2.90
C4' 4BW C . 8.67 -15.13 3.78
O4' 4BW C . 8.38 -15.87 4.80
C3' 4BW C . 9.19 -13.80 4.52
C2' 4BW C . 8.16 -13.64 5.63
O2' 4BW C . 7.06 -12.73 5.19
C1' 4BW C . 7.63 -14.88 5.84
N9 4BW C . 7.71 -15.30 7.19
C8 4BW C . 6.58 -15.13 7.89
N7 4BW C . 6.77 -15.56 9.16
C5 4BW C . 8.02 -16.00 9.26
C4 4BW C . 8.61 -15.85 8.04
N3 4BW C . 9.88 -16.22 7.87
C2 4BW C . 10.54 -16.73 8.92
N1 4BW C . 9.97 -16.89 10.14
C6 4BW C . 8.72 -16.53 10.31
N6 4BW C . 8.29 -16.78 11.70
CA CA D . 10.48 -9.68 7.51
CA CA E . 10.38 -7.63 3.79
OAC 4BW F . -16.86 12.89 1.99
CBC 4BW F . -17.08 11.72 1.95
NAT 4BW F . -17.16 10.96 3.17
CBA 4BW F . -17.44 9.55 3.14
NAA 4BW F . -17.50 8.80 4.35
NAS 4BW F . -17.64 8.87 1.84
CBG 4BW F . -17.55 9.65 0.57
CBE 4BW F . -17.30 10.98 0.59
NAR 4BW F . -17.28 11.42 -0.68
CAL 4BW F . -17.54 10.35 -1.48
NBQ 4BW F . -17.70 9.27 -0.71
CBO 4BW F . -17.99 7.95 -1.26
CBI 4BW F . -18.45 7.89 -2.49
OAG 4BW F . -19.91 7.92 -2.58
OAX 4BW F . -16.57 7.17 -1.29
CBK 4BW F . -16.65 6.31 -2.28
CAN 4BW F . -15.63 6.68 -3.37
OAV 4BW F . -15.90 5.75 -4.39
PBR 4BW F . -14.63 4.64 -4.43
O3' 4BW F . -15.43 3.15 -3.92
OAH 4BW F . -13.39 5.06 -3.61
OAD 4BW F . -14.20 4.38 -5.87
CBM 4BW F . -18.06 6.43 -2.88
OAZ 4BW F . -18.92 5.61 -2.25
PBS 4BW F . -19.83 4.52 -3.10
OAI 4BW F . -20.58 3.67 -2.05
OAE 4BW F . -20.96 5.15 -3.93
O5' 4BW F . -18.91 3.38 -4.02
C5' 4BW F . -18.32 2.37 -3.12
C4' 4BW F . -17.20 1.66 -3.92
O4' 4BW F . -17.71 0.86 -4.79
C3' 4BW F . -16.34 2.71 -4.75
C2' 4BW F . -15.81 1.84 -5.87
O2' 4BW F . -14.54 1.15 -5.48
C1' 4BW F . -16.81 0.94 -6.13
N9 4BW F . -17.57 1.37 -7.24
C8 4BW F . -18.54 2.26 -6.98
N7 4BW F . -19.14 2.57 -8.15
C5 4BW F . -18.54 1.86 -9.13
C4 4BW F . -17.57 1.12 -8.56
N3 4BW F . -16.80 0.31 -9.33
C2 4BW F . -17.00 0.22 -10.67
N1 4BW F . -17.98 0.96 -11.26
C6 4BW F . -18.73 1.77 -10.50
N6 4BW F . -19.71 2.47 -11.34
CA CA G . -13.22 5.85 -7.43
CA CA H . -11.23 6.32 -3.81
#